data_8IDF
#
_entry.id   8IDF
#
_cell.length_a   78.724
_cell.length_b   78.724
_cell.length_c   370.272
_cell.angle_alpha   90.000
_cell.angle_beta   90.000
_cell.angle_gamma   120.000
#
_symmetry.space_group_name_H-M   'P 65 2 2'
#
loop_
_entity.id
_entity.type
_entity.pdbx_description
1 polymer 'Speckle targeted PIP5K1A-regulated poly(A) polymerase'
2 polymer 'RNA (53-MER)'
3 non-polymer 'ZINC ION'
#
loop_
_entity_poly.entity_id
_entity_poly.type
_entity_poly.pdbx_seq_one_letter_code
_entity_poly.pdbx_strand_id
1 'polypeptide(L)'
;MAAVDSDVESLPRGGFRCSLCHVTTANRPSLDAHLGGRKHRHLVELRAARKAQGLRSVFVSGFPRDVDSAQLSEYFLAFG
PVASVVMDKDKGVFAIVEMGDVGAREAVLSQSQHSLGGHRLRVRPREQKEFQSPASKSPKGAAPDSHQLAKALAEAADVG
AQMIKLVGLRELSEAERQLRSLVVALMQEVFTEFFPGCVVHPFGSSINSFDVHGCDLALFLDLGDLEEPQPVPKLPPASP
LLEDREEGDLGKASELAETPKEEKAEGAAMLELVGSILRGCVPGVYRVQTVPSARRPVVKFAHRPSGLHGDVSLSNRLAL
HNSRFLSLASELDGRVRPLVYTLRAWAQGRGLSGSGPLLSNYALTLLVIYFLQTRDPPVLPTVSQLTQKAGEGEQVEVDG
WDCSFPRDASRLEPSINVEPLSSLLAQFFSAVSSWDLRGSLLSLREGQALPVAGGLPSNLWEGLRLGPLNLQDPFDLSHN
VAANVTSRVAGRLQNCCRAAANYARSLQYQRRSSRGRDWGLLPLLQPSSLEHHHHHH
;
A
2 'polyribonucleotide' GGAUACUAAAAUUGGAACGAUACAGAGUUCGCUCGUGAAGCGUUCCAUAUUUU B
#
loop_
_chem_comp.id
_chem_comp.type
_chem_comp.name
_chem_comp.formula
A RNA linking ADENOSINE-5'-MONOPHOSPHATE 'C10 H14 N5 O7 P'
C RNA linking CYTIDINE-5'-MONOPHOSPHATE 'C9 H14 N3 O8 P'
G RNA linking GUANOSINE-5'-MONOPHOSPHATE 'C10 H14 N5 O8 P'
U RNA linking URIDINE-5'-MONOPHOSPHATE 'C9 H13 N2 O9 P'
ZN non-polymer 'ZINC ION' 'Zn 2'
#
# COMPACT_ATOMS: atom_id res chain seq x y z
N ASP A 7 -3.74 25.50 -18.14
CA ASP A 7 -3.48 24.13 -17.72
C ASP A 7 -2.54 23.42 -18.68
N VAL A 8 -1.97 24.17 -19.61
CA VAL A 8 -1.08 23.63 -20.64
C VAL A 8 0.27 24.34 -20.53
N GLU A 9 1.35 23.56 -20.50
CA GLU A 9 2.70 24.08 -20.43
C GLU A 9 3.49 23.60 -21.64
N SER A 10 4.23 24.52 -22.25
CA SER A 10 5.04 24.20 -23.42
C SER A 10 6.32 23.49 -23.01
N LEU A 11 6.74 22.53 -23.82
CA LEU A 11 7.92 21.72 -23.60
C LEU A 11 8.71 21.63 -24.89
N PRO A 12 10.02 21.38 -24.82
CA PRO A 12 10.84 21.32 -26.03
C PRO A 12 10.37 20.24 -26.99
N ARG A 13 10.99 20.24 -28.18
CA ARG A 13 10.59 19.37 -29.29
C ARG A 13 9.17 19.66 -29.75
N GLY A 14 8.71 20.89 -29.55
CA GLY A 14 7.35 21.25 -29.90
C GLY A 14 6.30 20.48 -29.15
N GLY A 15 6.53 20.22 -27.86
CA GLY A 15 5.63 19.41 -27.07
C GLY A 15 4.78 20.23 -26.12
N PHE A 16 3.73 19.59 -25.60
CA PHE A 16 2.83 20.24 -24.67
C PHE A 16 2.54 19.28 -23.52
N ARG A 17 2.14 19.85 -22.38
CA ARG A 17 1.78 19.04 -21.22
C ARG A 17 0.55 19.64 -20.56
N CYS A 18 -0.50 18.83 -20.47
CA CYS A 18 -1.71 19.21 -19.75
C CYS A 18 -1.53 18.84 -18.28
N SER A 19 -1.45 19.86 -17.42
CA SER A 19 -1.35 19.64 -16.00
C SER A 19 -2.68 19.25 -15.36
N LEU A 20 -3.80 19.57 -16.02
CA LEU A 20 -5.11 19.15 -15.52
C LEU A 20 -5.28 17.64 -15.63
N CYS A 21 -4.59 17.00 -16.56
CA CYS A 21 -4.62 15.56 -16.72
C CYS A 21 -3.25 14.91 -16.62
N HIS A 22 -2.19 15.70 -16.42
CA HIS A 22 -0.82 15.20 -16.33
C HIS A 22 -0.46 14.38 -17.57
N VAL A 23 -0.78 14.92 -18.74
CA VAL A 23 -0.63 14.21 -20.01
C VAL A 23 0.38 14.95 -20.87
N THR A 24 1.42 14.24 -21.32
CA THR A 24 2.45 14.81 -22.17
C THR A 24 2.18 14.40 -23.62
N THR A 25 2.06 15.38 -24.50
CA THR A 25 1.83 15.15 -25.92
C THR A 25 2.99 15.72 -26.72
N ALA A 26 3.42 14.99 -27.74
CA ALA A 26 4.55 15.37 -28.56
C ALA A 26 4.17 16.29 -29.72
N ASN A 27 2.90 16.59 -29.90
CA ASN A 27 2.46 17.42 -31.02
C ASN A 27 1.15 18.11 -30.67
N ARG A 28 0.68 18.96 -31.58
CA ARG A 28 -0.51 19.78 -31.41
C ARG A 28 -1.81 19.00 -31.64
N PRO A 29 -1.95 18.20 -32.70
CA PRO A 29 -3.22 17.47 -32.89
C PRO A 29 -3.56 16.54 -31.73
N SER A 30 -2.55 15.90 -31.13
CA SER A 30 -2.81 15.04 -29.98
C SER A 30 -3.36 15.85 -28.81
N LEU A 31 -2.77 17.03 -28.57
CA LEU A 31 -3.27 17.89 -27.49
C LEU A 31 -4.70 18.34 -27.76
N ASP A 32 -5.00 18.72 -29.01
CA ASP A 32 -6.36 19.16 -29.34
C ASP A 32 -7.36 18.01 -29.17
N ALA A 33 -6.98 16.80 -29.60
CA ALA A 33 -7.87 15.66 -29.44
C ALA A 33 -8.08 15.32 -27.97
N HIS A 34 -7.03 15.44 -27.16
CA HIS A 34 -7.18 15.24 -25.72
C HIS A 34 -8.12 16.27 -25.12
N LEU A 35 -7.99 17.54 -25.52
CA LEU A 35 -8.91 18.57 -25.04
C LEU A 35 -10.34 18.29 -25.48
N GLY A 36 -10.51 17.63 -26.63
CA GLY A 36 -11.82 17.24 -27.09
C GLY A 36 -12.39 15.97 -26.47
N GLY A 37 -11.58 15.25 -25.69
CA GLY A 37 -12.04 14.03 -25.07
C GLY A 37 -12.87 14.26 -23.82
N ARG A 38 -13.55 13.18 -23.39
CA ARG A 38 -14.41 13.26 -22.21
C ARG A 38 -13.62 13.29 -20.90
N LYS A 39 -12.38 12.80 -20.89
CA LYS A 39 -11.59 12.85 -19.66
C LYS A 39 -11.25 14.28 -19.29
N HIS A 40 -10.72 15.05 -20.23
CA HIS A 40 -10.40 16.45 -19.97
C HIS A 40 -11.67 17.25 -19.69
N ARG A 41 -12.75 16.96 -20.42
CA ARG A 41 -14.01 17.66 -20.19
C ARG A 41 -14.55 17.39 -18.80
N HIS A 42 -14.48 16.14 -18.34
CA HIS A 42 -14.93 15.80 -17.00
C HIS A 42 -14.04 16.45 -15.94
N LEU A 43 -12.73 16.50 -16.18
CA LEU A 43 -11.85 17.20 -15.26
C LEU A 43 -12.22 18.68 -15.17
N VAL A 44 -12.49 19.32 -16.31
CA VAL A 44 -12.89 20.72 -16.32
C VAL A 44 -14.22 20.90 -15.57
N GLU A 45 -15.17 20.00 -15.80
CA GLU A 45 -16.47 20.12 -15.13
C GLU A 45 -16.33 19.98 -13.62
N LEU A 46 -15.54 19.01 -13.16
CA LEU A 46 -15.35 18.83 -11.72
C LEU A 46 -14.61 20.01 -11.11
N ARG A 47 -13.60 20.53 -11.81
CA ARG A 47 -12.89 21.70 -11.32
C ARG A 47 -13.81 22.90 -11.23
N ALA A 48 -14.68 23.09 -12.23
CA ALA A 48 -15.63 24.20 -12.21
C ALA A 48 -16.65 24.03 -11.08
N ALA A 49 -17.09 22.80 -10.82
CA ALA A 49 -18.00 22.56 -9.71
C ALA A 49 -17.34 22.90 -8.38
N ARG A 50 -16.09 22.46 -8.19
CA ARG A 50 -15.37 22.80 -6.96
C ARG A 50 -15.17 24.31 -6.84
N LYS A 51 -14.87 24.97 -7.96
CA LYS A 51 -14.69 26.42 -7.96
C LYS A 51 -15.98 27.13 -7.58
N ALA A 52 -17.11 26.69 -8.13
CA ALA A 52 -18.40 27.30 -7.77
C ALA A 52 -18.72 27.08 -6.30
N GLN A 53 -18.47 25.87 -5.79
CA GLN A 53 -18.70 25.60 -4.38
C GLN A 53 -17.85 26.50 -3.51
N GLY A 54 -16.58 26.68 -3.86
CA GLY A 54 -15.75 27.63 -3.14
C GLY A 54 -16.27 29.05 -3.24
N LEU A 55 -16.85 29.39 -4.39
CA LEU A 55 -17.44 30.72 -4.57
C LEU A 55 -18.70 30.92 -3.74
N ARG A 56 -19.36 29.83 -3.32
CA ARG A 56 -20.55 29.98 -2.49
C ARG A 56 -20.36 29.32 -1.12
N SER A 57 -19.21 29.55 -0.50
CA SER A 57 -18.90 28.98 0.80
C SER A 57 -18.15 30.00 1.66
N VAL A 58 -18.24 29.81 2.97
CA VAL A 58 -17.61 30.69 3.95
C VAL A 58 -16.93 29.84 5.03
N PHE A 59 -16.07 30.48 5.80
CA PHE A 59 -15.30 29.85 6.86
C PHE A 59 -15.68 30.49 8.19
N VAL A 60 -16.09 29.66 9.16
CA VAL A 60 -16.58 30.14 10.45
C VAL A 60 -15.68 29.59 11.54
N SER A 61 -15.20 30.47 12.42
CA SER A 61 -14.36 30.08 13.55
C SER A 61 -14.72 30.97 14.74
N GLY A 62 -14.04 30.72 15.86
CA GLY A 62 -14.21 31.52 17.04
C GLY A 62 -15.31 31.08 18.00
N PHE A 63 -16.20 30.19 17.56
CA PHE A 63 -17.23 29.70 18.45
C PHE A 63 -16.62 28.83 19.55
N PRO A 64 -17.20 28.82 20.74
CA PRO A 64 -16.62 28.05 21.83
C PRO A 64 -16.62 26.56 21.55
N ARG A 65 -15.67 25.86 22.16
CA ARG A 65 -15.54 24.43 21.96
C ARG A 65 -16.70 23.69 22.62
N ASP A 66 -16.74 22.37 22.41
CA ASP A 66 -17.78 21.49 22.96
C ASP A 66 -19.17 21.89 22.48
N VAL A 67 -19.27 22.33 21.23
CA VAL A 67 -20.55 22.58 20.58
C VAL A 67 -20.49 21.95 19.18
N ASP A 68 -21.62 21.39 18.75
CA ASP A 68 -21.69 20.71 17.47
C ASP A 68 -22.01 21.71 16.35
N SER A 69 -21.89 21.23 15.11
CA SER A 69 -22.20 22.04 13.94
C SER A 69 -23.69 22.04 13.59
N ALA A 70 -24.51 21.28 14.32
CA ALA A 70 -25.95 21.31 14.08
C ALA A 70 -26.51 22.70 14.36
N GLN A 71 -26.07 23.33 15.45
CA GLN A 71 -26.50 24.69 15.74
C GLN A 71 -26.06 25.65 14.65
N LEU A 72 -24.83 25.47 14.14
CA LEU A 72 -24.35 26.33 13.06
C LEU A 72 -25.20 26.16 11.81
N SER A 73 -25.55 24.93 11.46
CA SER A 73 -26.40 24.69 10.28
C SER A 73 -27.78 25.31 10.49
N GLU A 74 -28.36 25.14 11.68
CA GLU A 74 -29.68 25.71 11.94
C GLU A 74 -29.64 27.24 11.87
N TYR A 75 -28.57 27.84 12.38
CA TYR A 75 -28.44 29.30 12.32
C TYR A 75 -28.27 29.77 10.88
N PHE A 76 -27.44 29.09 10.09
CA PHE A 76 -27.20 29.53 8.73
C PHE A 76 -28.37 29.24 7.80
N LEU A 77 -29.26 28.33 8.17
CA LEU A 77 -30.46 28.09 7.36
C LEU A 77 -31.36 29.32 7.29
N ALA A 78 -31.22 30.25 8.22
CA ALA A 78 -32.03 31.47 8.18
C ALA A 78 -31.60 32.41 7.08
N PHE A 79 -30.41 32.22 6.50
CA PHE A 79 -29.90 33.05 5.43
C PHE A 79 -30.10 32.43 4.06
N GLY A 80 -31.16 31.64 3.88
CA GLY A 80 -31.42 30.98 2.63
C GLY A 80 -31.02 29.51 2.68
N PRO A 81 -31.14 28.82 1.54
CA PRO A 81 -30.75 27.41 1.51
C PRO A 81 -29.27 27.22 1.77
N VAL A 82 -28.94 26.18 2.55
CA VAL A 82 -27.57 25.83 2.88
C VAL A 82 -27.30 24.43 2.36
N ALA A 83 -26.20 24.28 1.62
CA ALA A 83 -25.88 22.99 1.03
C ALA A 83 -25.28 22.03 2.06
N SER A 84 -24.27 22.48 2.80
CA SER A 84 -23.59 21.59 3.75
C SER A 84 -22.87 22.42 4.80
N VAL A 85 -22.54 21.75 5.91
CA VAL A 85 -21.67 22.29 6.94
C VAL A 85 -20.66 21.21 7.28
N VAL A 86 -19.37 21.52 7.13
CA VAL A 86 -18.30 20.55 7.34
C VAL A 86 -17.53 20.95 8.59
N MET A 87 -17.45 20.01 9.53
CA MET A 87 -16.71 20.24 10.77
C MET A 87 -15.21 20.15 10.51
N ASP A 88 -14.45 20.80 11.39
CA ASP A 88 -13.00 20.71 11.34
C ASP A 88 -12.54 19.35 11.84
N LYS A 89 -11.46 18.85 11.24
CA LYS A 89 -10.83 17.60 11.63
C LYS A 89 -9.40 17.87 12.10
N ASP A 90 -8.95 17.05 13.05
CA ASP A 90 -7.63 17.08 13.67
C ASP A 90 -7.48 18.25 14.64
N LYS A 91 -8.36 19.26 14.56
CA LYS A 91 -8.38 20.29 15.60
C LYS A 91 -9.77 20.47 16.19
N GLY A 92 -10.80 20.35 15.37
CA GLY A 92 -12.16 20.54 15.87
C GLY A 92 -12.43 21.93 16.39
N VAL A 93 -11.96 22.96 15.69
CA VAL A 93 -12.09 24.33 16.16
C VAL A 93 -12.88 25.23 15.21
N PHE A 94 -12.98 24.89 13.92
CA PHE A 94 -13.73 25.73 12.99
C PHE A 94 -14.68 24.90 12.13
N ALA A 95 -15.27 25.54 11.12
CA ALA A 95 -16.20 24.86 10.23
C ALA A 95 -16.23 25.59 8.89
N ILE A 96 -16.65 24.86 7.87
CA ILE A 96 -16.81 25.40 6.52
C ILE A 96 -18.28 25.27 6.14
N VAL A 97 -18.92 26.40 5.83
CA VAL A 97 -20.34 26.44 5.53
C VAL A 97 -20.49 26.64 4.02
N GLU A 98 -21.01 25.62 3.34
CA GLU A 98 -21.27 25.68 1.90
C GLU A 98 -22.74 26.02 1.71
N MET A 99 -23.01 27.20 1.17
CA MET A 99 -24.37 27.66 0.95
C MET A 99 -24.95 27.06 -0.33
N GLY A 100 -26.28 27.05 -0.40
CA GLY A 100 -26.98 26.51 -1.55
C GLY A 100 -26.85 27.38 -2.79
N ASP A 101 -27.42 28.58 -2.74
CA ASP A 101 -27.38 29.52 -3.85
C ASP A 101 -26.30 30.57 -3.62
N VAL A 102 -25.72 31.05 -4.72
CA VAL A 102 -24.66 32.04 -4.62
C VAL A 102 -25.20 33.36 -4.09
N GLY A 103 -26.42 33.72 -4.48
CA GLY A 103 -26.99 35.00 -4.10
C GLY A 103 -27.16 35.18 -2.60
N ALA A 104 -27.16 34.09 -1.84
CA ALA A 104 -27.27 34.17 -0.39
C ALA A 104 -25.93 34.35 0.31
N ARG A 105 -24.82 34.20 -0.41
CA ARG A 105 -23.51 34.32 0.23
C ARG A 105 -23.32 35.69 0.85
N GLU A 106 -23.67 36.75 0.10
CA GLU A 106 -23.58 38.10 0.64
C GLU A 106 -24.53 38.27 1.83
N ALA A 107 -25.62 37.51 1.87
CA ALA A 107 -26.49 37.53 3.03
C ALA A 107 -25.75 37.11 4.29
N VAL A 108 -24.82 36.16 4.16
CA VAL A 108 -23.94 35.81 5.27
C VAL A 108 -22.99 36.96 5.57
N LEU A 109 -22.53 37.65 4.53
CA LEU A 109 -21.58 38.76 4.69
C LEU A 109 -22.26 40.06 5.09
N SER A 110 -23.59 40.07 5.21
CA SER A 110 -24.29 41.31 5.56
C SER A 110 -23.98 41.74 6.99
N GLN A 111 -23.95 40.80 7.93
CA GLN A 111 -23.75 41.11 9.34
C GLN A 111 -22.71 40.18 9.92
N SER A 112 -21.76 40.75 10.67
CA SER A 112 -20.71 39.97 11.31
C SER A 112 -20.90 39.82 12.81
N GLN A 113 -21.99 40.35 13.37
CA GLN A 113 -22.26 40.25 14.81
C GLN A 113 -22.84 38.86 15.10
N HIS A 114 -21.95 37.89 15.18
CA HIS A 114 -22.33 36.50 15.41
C HIS A 114 -22.05 36.11 16.85
N SER A 115 -22.87 35.18 17.36
CA SER A 115 -22.71 34.69 18.71
C SER A 115 -23.26 33.27 18.80
N LEU A 116 -22.65 32.46 19.65
CA LEU A 116 -23.08 31.08 19.86
C LEU A 116 -22.68 30.67 21.27
N GLY A 117 -23.67 30.47 22.14
CA GLY A 117 -23.37 30.12 23.53
C GLY A 117 -22.62 31.20 24.27
N GLY A 118 -22.98 32.46 24.05
CA GLY A 118 -22.33 33.58 24.72
C GLY A 118 -21.10 34.13 24.03
N HIS A 119 -20.20 33.27 23.58
CA HIS A 119 -18.98 33.70 22.93
C HIS A 119 -19.24 34.17 21.51
N ARG A 120 -18.44 35.12 21.06
CA ARG A 120 -18.58 35.70 19.73
C ARG A 120 -17.85 34.85 18.69
N LEU A 121 -18.22 35.04 17.43
CA LEU A 121 -17.72 34.23 16.33
C LEU A 121 -16.96 35.09 15.32
N ARG A 122 -16.61 34.48 14.20
CA ARG A 122 -15.79 35.15 13.18
C ARG A 122 -16.04 34.42 11.86
N VAL A 123 -16.67 35.10 10.91
CA VAL A 123 -17.04 34.52 9.62
C VAL A 123 -16.29 35.27 8.52
N ARG A 124 -15.63 34.54 7.65
CA ARG A 124 -14.86 35.11 6.56
C ARG A 124 -15.24 34.44 5.23
N PRO A 125 -15.05 35.15 4.12
CA PRO A 125 -15.17 34.48 2.82
C PRO A 125 -14.11 33.41 2.66
N ARG A 126 -14.46 32.32 1.99
CA ARG A 126 -13.55 31.20 1.81
C ARG A 126 -12.63 31.47 0.63
N GLU A 127 -11.34 31.65 0.90
CA GLU A 127 -10.36 31.77 -0.16
C GLU A 127 -10.26 30.45 -0.91
N GLN A 128 -10.21 30.53 -2.25
CA GLN A 128 -10.25 29.36 -3.10
C GLN A 128 -8.83 28.81 -3.28
N LYS A 129 -8.55 27.67 -2.67
CA LYS A 129 -7.30 26.97 -2.92
C LYS A 129 -7.30 26.42 -4.34
N GLU A 130 -6.12 26.44 -4.97
CA GLU A 130 -6.02 26.04 -6.37
C GLU A 130 -6.39 24.57 -6.53
N PHE A 131 -7.18 24.28 -7.56
CA PHE A 131 -7.64 22.92 -7.79
C PHE A 131 -6.48 22.02 -8.19
N GLN A 132 -6.47 20.81 -7.62
CA GLN A 132 -5.46 19.81 -7.92
C GLN A 132 -6.12 18.61 -8.58
N SER A 133 -5.53 18.14 -9.66
CA SER A 133 -6.08 16.99 -10.38
C SER A 133 -5.87 15.73 -9.55
N PRO A 134 -6.91 14.91 -9.35
CA PRO A 134 -6.82 13.67 -8.56
C PRO A 134 -6.00 12.58 -9.25
N ASP A 145 16.66 6.31 -3.52
CA ASP A 145 16.69 5.10 -4.32
C ASP A 145 17.65 5.24 -5.50
N SER A 146 18.44 4.19 -5.73
CA SER A 146 19.37 4.08 -6.86
C SER A 146 20.54 5.03 -6.71
N HIS A 147 20.51 5.91 -5.70
CA HIS A 147 21.66 6.73 -5.34
C HIS A 147 22.15 6.40 -3.94
N GLN A 148 21.29 6.50 -2.93
CA GLN A 148 21.63 6.02 -1.59
C GLN A 148 21.73 4.50 -1.56
N LEU A 149 20.92 3.82 -2.37
CA LEU A 149 20.93 2.36 -2.42
C LEU A 149 22.31 1.84 -2.81
N ALA A 150 22.89 2.39 -3.88
CA ALA A 150 24.24 2.01 -4.26
C ALA A 150 25.29 2.67 -3.39
N LYS A 151 24.93 3.72 -2.65
CA LYS A 151 25.88 4.43 -1.82
C LYS A 151 26.22 3.65 -0.55
N ALA A 152 25.19 3.20 0.18
CA ALA A 152 25.38 2.60 1.49
C ALA A 152 25.41 1.08 1.44
N LEU A 153 25.83 0.50 0.32
CA LEU A 153 25.93 -0.96 0.22
C LEU A 153 27.28 -1.41 -0.31
N ALA A 154 27.94 -0.56 -1.12
CA ALA A 154 29.15 -0.97 -1.81
C ALA A 154 30.38 -0.99 -0.93
N GLU A 155 30.29 -0.52 0.31
CA GLU A 155 31.42 -0.56 1.24
C GLU A 155 31.26 -1.67 2.29
N ALA A 156 30.34 -2.61 2.06
CA ALA A 156 30.14 -3.72 2.96
C ALA A 156 31.25 -4.76 2.77
N ALA A 157 31.22 -5.79 3.62
CA ALA A 157 32.26 -6.83 3.55
C ALA A 157 32.11 -7.65 2.27
N ASP A 158 30.97 -8.30 2.09
CA ASP A 158 30.71 -9.12 0.92
C ASP A 158 29.26 -8.91 0.49
N VAL A 159 28.78 -9.79 -0.40
CA VAL A 159 27.41 -9.67 -0.88
C VAL A 159 26.42 -9.95 0.25
N GLY A 160 26.74 -10.90 1.13
CA GLY A 160 25.90 -11.13 2.28
C GLY A 160 25.85 -9.93 3.20
N ALA A 161 27.00 -9.30 3.43
CA ALA A 161 27.02 -8.05 4.19
C ALA A 161 26.24 -6.96 3.47
N GLN A 162 26.31 -6.95 2.13
CA GLN A 162 25.50 -5.99 1.37
C GLN A 162 24.02 -6.20 1.62
N MET A 163 23.56 -7.45 1.63
CA MET A 163 22.15 -7.73 1.85
C MET A 163 21.73 -7.40 3.28
N ILE A 164 22.61 -7.67 4.25
CA ILE A 164 22.30 -7.32 5.63
C ILE A 164 22.19 -5.81 5.79
N LYS A 165 23.12 -5.07 5.17
CA LYS A 165 23.05 -3.61 5.23
C LYS A 165 21.82 -3.08 4.50
N LEU A 166 21.42 -3.73 3.41
CA LEU A 166 20.20 -3.35 2.72
C LEU A 166 18.97 -3.58 3.61
N VAL A 167 18.97 -4.68 4.36
CA VAL A 167 17.89 -4.91 5.33
C VAL A 167 17.88 -3.80 6.37
N GLY A 168 19.05 -3.44 6.89
CA GLY A 168 19.12 -2.36 7.87
C GLY A 168 18.61 -1.04 7.34
N LEU A 169 18.94 -0.73 6.08
CA LEU A 169 18.49 0.53 5.48
C LEU A 169 16.99 0.51 5.21
N ARG A 170 16.48 -0.57 4.62
CA ARG A 170 15.07 -0.65 4.27
C ARG A 170 14.17 -0.86 5.48
N GLU A 171 14.74 -1.28 6.61
CA GLU A 171 13.95 -1.48 7.82
C GLU A 171 13.34 -0.16 8.28
N LEU A 172 12.06 -0.20 8.64
CA LEU A 172 11.38 1.01 9.11
C LEU A 172 12.01 1.51 10.39
N SER A 173 12.24 2.81 10.46
CA SER A 173 12.82 3.43 11.65
C SER A 173 11.78 3.47 12.77
N GLU A 174 12.22 3.91 13.95
CA GLU A 174 11.30 4.01 15.08
C GLU A 174 10.20 5.03 14.80
N ALA A 175 10.54 6.11 14.10
CA ALA A 175 9.54 7.15 13.80
C ALA A 175 8.41 6.59 12.95
N GLU A 176 8.75 5.82 11.90
CA GLU A 176 7.72 5.27 11.02
C GLU A 176 6.84 4.26 11.75
N ARG A 177 7.45 3.38 12.56
CA ARG A 177 6.67 2.39 13.29
C ARG A 177 5.76 3.06 14.31
N GLN A 178 6.27 4.06 15.03
CA GLN A 178 5.44 4.78 16.00
C GLN A 178 4.32 5.55 15.31
N LEU A 179 4.59 6.12 14.14
CA LEU A 179 3.55 6.82 13.38
C LEU A 179 2.45 5.85 12.95
N ARG A 180 2.84 4.67 12.46
CA ARG A 180 1.84 3.68 12.07
C ARG A 180 1.05 3.19 13.28
N SER A 181 1.71 3.02 14.43
CA SER A 181 1.00 2.65 15.64
C SER A 181 0.01 3.73 16.06
N LEU A 182 0.40 5.00 15.92
CA LEU A 182 -0.51 6.11 16.22
C LEU A 182 -1.71 6.10 15.30
N VAL A 183 -1.49 5.85 14.00
CA VAL A 183 -2.60 5.77 13.05
C VAL A 183 -3.54 4.63 13.42
N VAL A 184 -2.98 3.47 13.78
CA VAL A 184 -3.80 2.33 14.17
C VAL A 184 -4.60 2.65 15.43
N ALA A 185 -3.97 3.31 16.40
CA ALA A 185 -4.68 3.69 17.62
C ALA A 185 -5.82 4.66 17.34
N LEU A 186 -5.58 5.64 16.46
CA LEU A 186 -6.64 6.58 16.11
C LEU A 186 -7.79 5.88 15.41
N MET A 187 -7.48 4.98 14.48
CA MET A 187 -8.53 4.21 13.80
C MET A 187 -9.31 3.38 14.81
N GLN A 188 -8.61 2.73 15.74
CA GLN A 188 -9.29 1.94 16.76
C GLN A 188 -10.20 2.79 17.62
N GLU A 189 -9.73 3.98 18.02
CA GLU A 189 -10.55 4.85 18.86
C GLU A 189 -11.80 5.30 18.12
N VAL A 190 -11.65 5.71 16.86
CA VAL A 190 -12.81 6.18 16.11
C VAL A 190 -13.81 5.06 15.88
N PHE A 191 -13.31 3.88 15.49
CA PHE A 191 -14.20 2.76 15.20
C PHE A 191 -14.83 2.21 16.48
N THR A 192 -14.17 2.37 17.63
CA THR A 192 -14.80 2.00 18.88
C THR A 192 -15.87 3.01 19.28
N GLU A 193 -15.65 4.29 18.98
CA GLU A 193 -16.72 5.27 19.13
C GLU A 193 -17.93 4.88 18.28
N PHE A 194 -17.69 4.47 17.04
CA PHE A 194 -18.80 4.12 16.17
C PHE A 194 -19.30 2.69 16.42
N PHE A 195 -18.38 1.73 16.52
CA PHE A 195 -18.72 0.34 16.79
C PHE A 195 -18.08 -0.09 18.10
N PRO A 196 -18.80 -0.05 19.22
CA PRO A 196 -18.21 -0.46 20.49
C PRO A 196 -17.79 -1.93 20.46
N GLY A 197 -16.65 -2.22 21.09
CA GLY A 197 -16.14 -3.57 21.18
C GLY A 197 -15.39 -4.06 19.96
N CYS A 198 -15.22 -3.23 18.93
CA CYS A 198 -14.51 -3.66 17.73
C CYS A 198 -13.00 -3.53 17.94
N VAL A 199 -12.26 -4.25 17.11
CA VAL A 199 -10.79 -4.25 17.15
C VAL A 199 -10.26 -3.93 15.78
N VAL A 200 -9.21 -3.10 15.73
CA VAL A 200 -8.52 -2.76 14.49
C VAL A 200 -7.16 -3.45 14.55
N HIS A 201 -7.03 -4.57 13.85
CA HIS A 201 -5.77 -5.30 13.81
C HIS A 201 -4.90 -4.75 12.70
N PRO A 202 -3.71 -4.22 13.01
CA PRO A 202 -2.78 -3.82 11.96
C PRO A 202 -2.08 -5.04 11.35
N PHE A 203 -1.81 -4.95 10.06
CA PHE A 203 -1.11 -6.00 9.32
C PHE A 203 -0.68 -5.42 7.98
N GLY A 204 -0.22 -6.30 7.09
CA GLY A 204 0.33 -5.87 5.82
C GLY A 204 1.84 -5.95 5.83
N SER A 205 2.50 -4.82 5.58
CA SER A 205 3.95 -4.72 5.70
C SER A 205 4.37 -4.08 7.02
N SER A 206 3.54 -4.20 8.05
CA SER A 206 3.79 -3.57 9.34
C SER A 206 4.05 -4.55 10.47
N ILE A 207 3.38 -5.70 10.49
CA ILE A 207 3.53 -6.67 11.56
C ILE A 207 4.25 -7.94 11.11
N ASN A 208 4.44 -8.14 9.81
CA ASN A 208 5.13 -9.33 9.32
C ASN A 208 6.64 -9.20 9.39
N SER A 209 7.15 -8.09 9.91
CA SER A 209 8.57 -7.76 10.05
C SER A 209 9.26 -7.51 8.72
N PHE A 210 8.57 -7.70 7.60
CA PHE A 210 9.12 -7.33 6.28
C PHE A 210 8.65 -5.94 5.89
N ASP A 211 9.10 -4.97 6.68
CA ASP A 211 8.67 -3.58 6.57
C ASP A 211 9.67 -2.80 5.73
N VAL A 212 9.17 -2.12 4.71
CA VAL A 212 9.98 -1.26 3.86
C VAL A 212 9.47 0.18 3.98
N HIS A 213 10.33 1.12 3.59
CA HIS A 213 9.96 2.53 3.65
C HIS A 213 8.84 2.83 2.66
N GLY A 214 7.86 3.60 3.12
CA GLY A 214 6.71 3.91 2.28
C GLY A 214 5.86 2.70 1.95
N CYS A 215 5.64 1.82 2.91
CA CYS A 215 4.88 0.61 2.70
C CYS A 215 3.39 0.85 2.99
N ASP A 216 2.57 -0.13 2.61
CA ASP A 216 1.13 -0.06 2.80
C ASP A 216 0.76 -0.69 4.14
N LEU A 217 -0.07 0.01 4.91
CA LEU A 217 -0.60 -0.50 6.17
C LEU A 217 -2.03 -0.96 5.95
N ALA A 218 -2.33 -2.20 6.33
CA ALA A 218 -3.67 -2.75 6.20
C ALA A 218 -4.29 -2.91 7.58
N LEU A 219 -5.58 -2.65 7.68
CA LEU A 219 -6.29 -2.62 8.95
C LEU A 219 -7.50 -3.54 8.85
N PHE A 220 -7.49 -4.63 9.61
CA PHE A 220 -8.60 -5.56 9.64
C PHE A 220 -9.55 -5.17 10.77
N LEU A 221 -10.83 -5.02 10.43
CA LEU A 221 -11.85 -4.65 11.40
C LEU A 221 -12.54 -5.92 11.91
N ASP A 222 -12.34 -6.23 13.18
CA ASP A 222 -12.96 -7.38 13.82
C ASP A 222 -14.12 -6.91 14.69
N LEU A 223 -15.28 -7.52 14.50
CA LEU A 223 -16.48 -7.13 15.22
C LEU A 223 -16.95 -8.24 16.16
N GLY A 267 -23.77 -6.20 2.30
CA GLY A 267 -22.48 -6.40 1.66
C GLY A 267 -21.68 -5.12 1.54
N ALA A 268 -21.92 -4.37 0.45
CA ALA A 268 -21.21 -3.12 0.21
C ALA A 268 -21.69 -2.00 1.12
N ALA A 269 -22.78 -2.19 1.87
CA ALA A 269 -23.27 -1.15 2.76
C ALA A 269 -22.27 -0.85 3.86
N MET A 270 -21.67 -1.89 4.45
CA MET A 270 -20.65 -1.68 5.47
C MET A 270 -19.42 -1.01 4.89
N LEU A 271 -19.04 -1.38 3.65
CA LEU A 271 -17.92 -0.74 2.99
C LEU A 271 -18.17 0.76 2.81
N GLU A 272 -19.38 1.11 2.36
CA GLU A 272 -19.71 2.52 2.18
C GLU A 272 -19.78 3.24 3.52
N LEU A 273 -20.24 2.56 4.57
CA LEU A 273 -20.26 3.16 5.90
C LEU A 273 -18.86 3.49 6.38
N VAL A 274 -17.93 2.55 6.21
CA VAL A 274 -16.54 2.80 6.61
C VAL A 274 -15.94 3.93 5.78
N GLY A 275 -16.22 3.94 4.47
CA GLY A 275 -15.76 5.02 3.63
C GLY A 275 -16.29 6.37 4.08
N SER A 276 -17.56 6.43 4.45
CA SER A 276 -18.15 7.67 4.94
C SER A 276 -17.50 8.11 6.25
N ILE A 277 -17.24 7.14 7.15
CA ILE A 277 -16.53 7.46 8.39
C ILE A 277 -15.19 8.11 8.09
N LEU A 278 -14.42 7.49 7.19
CA LEU A 278 -13.10 8.03 6.85
C LEU A 278 -13.22 9.41 6.20
N ARG A 279 -14.17 9.59 5.29
CA ARG A 279 -14.33 10.87 4.61
C ARG A 279 -14.70 11.98 5.58
N GLY A 280 -15.64 11.72 6.49
CA GLY A 280 -16.16 12.76 7.34
C GLY A 280 -15.46 12.99 8.65
N CYS A 281 -15.33 11.94 9.47
CA CYS A 281 -14.95 12.12 10.87
C CYS A 281 -13.47 11.90 11.14
N VAL A 282 -12.85 10.88 10.55
CA VAL A 282 -11.47 10.56 10.86
C VAL A 282 -10.56 11.70 10.42
N PRO A 283 -9.65 12.18 11.26
CA PRO A 283 -8.85 13.36 10.91
C PRO A 283 -7.80 13.06 9.84
N GLY A 284 -7.57 14.06 9.00
CA GLY A 284 -6.42 14.07 8.11
C GLY A 284 -6.40 13.02 7.02
N VAL A 285 -7.51 12.31 6.81
CA VAL A 285 -7.54 11.24 5.81
C VAL A 285 -8.36 11.73 4.62
N TYR A 286 -7.68 11.85 3.48
CA TYR A 286 -8.30 12.12 2.18
C TYR A 286 -7.98 10.95 1.26
N ARG A 287 -8.44 11.02 0.02
CA ARG A 287 -8.29 9.91 -0.93
C ARG A 287 -8.79 8.61 -0.29
N VAL A 288 -10.12 8.59 -0.14
CA VAL A 288 -10.85 7.41 0.36
C VAL A 288 -11.64 6.85 -0.81
N GLN A 289 -11.32 5.61 -1.18
CA GLN A 289 -11.94 4.96 -2.33
C GLN A 289 -12.40 3.57 -1.92
N THR A 290 -13.70 3.33 -1.99
CA THR A 290 -14.25 2.00 -1.73
C THR A 290 -14.03 1.11 -2.94
N VAL A 291 -13.69 -0.16 -2.68
CA VAL A 291 -13.43 -1.11 -3.75
C VAL A 291 -14.10 -2.44 -3.38
N PRO A 292 -15.31 -2.69 -3.87
CA PRO A 292 -15.94 -4.00 -3.63
C PRO A 292 -15.56 -5.04 -4.67
N SER A 293 -15.14 -4.56 -5.86
CA SER A 293 -14.86 -5.45 -7.00
C SER A 293 -13.52 -6.15 -6.78
N ALA A 294 -13.50 -7.03 -5.78
CA ALA A 294 -12.32 -7.81 -5.46
C ALA A 294 -12.76 -9.03 -4.67
N ARG A 295 -11.85 -9.99 -4.50
CA ARG A 295 -12.14 -11.16 -3.68
C ARG A 295 -12.48 -10.77 -2.26
N ARG A 296 -11.88 -9.70 -1.75
CA ARG A 296 -12.19 -9.16 -0.42
C ARG A 296 -12.32 -7.65 -0.54
N PRO A 297 -13.53 -7.10 -0.37
CA PRO A 297 -13.71 -5.66 -0.52
C PRO A 297 -12.85 -4.87 0.46
N VAL A 298 -12.28 -3.76 -0.02
CA VAL A 298 -11.31 -2.99 0.73
C VAL A 298 -11.52 -1.51 0.46
N VAL A 299 -11.36 -0.67 1.49
CA VAL A 299 -11.36 0.77 1.34
C VAL A 299 -9.91 1.24 1.32
N LYS A 300 -9.47 1.79 0.19
CA LYS A 300 -8.17 2.44 0.12
C LYS A 300 -8.27 3.82 0.76
N PHE A 301 -7.32 4.14 1.64
CA PHE A 301 -7.33 5.43 2.31
C PHE A 301 -5.95 6.05 2.25
N ALA A 302 -5.91 7.37 2.17
CA ALA A 302 -4.66 8.12 2.28
C ALA A 302 -4.72 9.06 3.47
N HIS A 303 -3.61 9.18 4.19
CA HIS A 303 -3.50 10.07 5.34
C HIS A 303 -2.51 11.18 5.01
N ARG A 304 -2.96 12.43 5.15
CA ARG A 304 -2.21 13.61 4.72
C ARG A 304 -1.06 13.96 5.67
N PRO A 305 -1.30 14.20 6.98
CA PRO A 305 -0.18 14.64 7.83
C PRO A 305 0.98 13.66 7.87
N SER A 306 0.70 12.36 7.85
CA SER A 306 1.74 11.35 7.79
C SER A 306 2.22 11.09 6.37
N GLY A 307 1.49 11.54 5.36
CA GLY A 307 1.84 11.22 3.99
C GLY A 307 1.83 9.74 3.70
N LEU A 308 0.86 9.02 4.26
CA LEU A 308 0.79 7.57 4.13
C LEU A 308 -0.41 7.17 3.28
N HIS A 309 -0.40 5.90 2.88
CA HIS A 309 -1.53 5.33 2.16
C HIS A 309 -1.63 3.86 2.50
N GLY A 310 -2.85 3.39 2.71
CA GLY A 310 -3.06 2.02 3.12
C GLY A 310 -4.45 1.54 2.77
N ASP A 311 -4.79 0.38 3.34
CA ASP A 311 -6.01 -0.34 3.02
C ASP A 311 -6.73 -0.75 4.30
N VAL A 312 -8.06 -0.69 4.28
CA VAL A 312 -8.87 -1.13 5.40
C VAL A 312 -9.82 -2.22 4.90
N SER A 313 -9.77 -3.38 5.55
CA SER A 313 -10.61 -4.51 5.18
C SER A 313 -11.46 -4.93 6.37
N LEU A 314 -12.65 -5.44 6.06
CA LEU A 314 -13.63 -5.84 7.07
C LEU A 314 -13.62 -7.34 7.35
N SER A 315 -13.41 -8.17 6.33
CA SER A 315 -13.52 -9.62 6.47
C SER A 315 -12.23 -10.35 6.13
N ASN A 316 -11.12 -9.64 5.91
CA ASN A 316 -9.86 -10.28 5.56
C ASN A 316 -9.15 -10.76 6.84
N ARG A 317 -9.79 -11.75 7.48
CA ARG A 317 -9.23 -12.31 8.70
C ARG A 317 -8.05 -13.23 8.42
N LEU A 318 -8.02 -13.86 7.23
CA LEU A 318 -6.91 -14.74 6.89
C LEU A 318 -5.59 -13.99 6.78
N ALA A 319 -5.64 -12.73 6.35
CA ALA A 319 -4.40 -11.99 6.13
C ALA A 319 -3.69 -11.68 7.43
N LEU A 320 -4.41 -11.56 8.55
CA LEU A 320 -3.76 -11.36 9.83
C LEU A 320 -2.89 -12.55 10.20
N HIS A 321 -3.45 -13.76 10.11
CA HIS A 321 -2.65 -14.96 10.36
C HIS A 321 -1.58 -15.14 9.30
N ASN A 322 -1.83 -14.67 8.08
CA ASN A 322 -0.81 -14.71 7.04
C ASN A 322 0.40 -13.86 7.41
N SER A 323 0.15 -12.64 7.91
CA SER A 323 1.24 -11.77 8.36
C SER A 323 1.94 -12.36 9.58
N ARG A 324 1.18 -12.98 10.49
CA ARG A 324 1.80 -13.65 11.62
C ARG A 324 2.73 -14.77 11.16
N PHE A 325 2.29 -15.56 10.17
CA PHE A 325 3.12 -16.62 9.63
C PHE A 325 4.37 -16.05 8.94
N LEU A 326 4.21 -14.94 8.23
CA LEU A 326 5.37 -14.30 7.60
C LEU A 326 6.38 -13.84 8.64
N SER A 327 5.90 -13.24 9.73
CA SER A 327 6.79 -12.83 10.81
C SER A 327 7.48 -14.03 11.44
N LEU A 328 6.74 -15.12 11.66
CA LEU A 328 7.33 -16.33 12.21
C LEU A 328 8.42 -16.89 11.30
N ALA A 329 8.17 -16.91 9.99
CA ALA A 329 9.17 -17.36 9.05
C ALA A 329 10.40 -16.46 9.08
N SER A 330 10.18 -15.15 9.20
CA SER A 330 11.30 -14.22 9.29
C SER A 330 12.12 -14.44 10.56
N GLU A 331 11.48 -14.84 11.65
CA GLU A 331 12.18 -15.04 12.90
C GLU A 331 12.88 -16.39 13.00
N LEU A 332 12.73 -17.27 12.01
CA LEU A 332 13.41 -18.56 12.05
C LEU A 332 14.92 -18.39 12.03
N ASP A 333 15.43 -17.51 11.18
CA ASP A 333 16.87 -17.27 11.08
C ASP A 333 17.09 -15.91 10.44
N GLY A 334 18.34 -15.47 10.44
CA GLY A 334 18.70 -14.17 9.94
C GLY A 334 19.13 -14.15 8.48
N ARG A 335 18.66 -15.12 7.71
CA ARG A 335 18.95 -15.20 6.29
C ARG A 335 17.71 -15.10 5.40
N VAL A 336 16.56 -15.63 5.85
CA VAL A 336 15.34 -15.52 5.07
C VAL A 336 14.94 -14.06 4.91
N ARG A 337 15.05 -13.28 5.97
CA ARG A 337 14.72 -11.85 5.87
C ARG A 337 15.64 -11.11 4.90
N PRO A 338 16.98 -11.27 4.94
CA PRO A 338 17.80 -10.65 3.89
C PRO A 338 17.45 -11.13 2.49
N LEU A 339 17.17 -12.42 2.31
CA LEU A 339 16.80 -12.90 0.98
C LEU A 339 15.51 -12.24 0.49
N VAL A 340 14.51 -12.15 1.36
CA VAL A 340 13.24 -11.56 0.97
C VAL A 340 13.41 -10.08 0.64
N TYR A 341 14.16 -9.35 1.47
CA TYR A 341 14.37 -7.93 1.22
C TYR A 341 15.13 -7.71 -0.09
N THR A 342 16.17 -8.51 -0.34
CA THR A 342 16.93 -8.37 -1.57
C THR A 342 16.08 -8.65 -2.80
N LEU A 343 15.27 -9.72 -2.74
CA LEU A 343 14.44 -10.06 -3.90
C LEU A 343 13.34 -9.04 -4.12
N ARG A 344 12.76 -8.51 -3.04
CA ARG A 344 11.77 -7.44 -3.19
C ARG A 344 12.38 -6.19 -3.80
N ALA A 345 13.59 -5.83 -3.36
CA ALA A 345 14.27 -4.67 -3.95
C ALA A 345 14.57 -4.89 -5.42
N TRP A 346 15.00 -6.10 -5.78
CA TRP A 346 15.28 -6.39 -7.18
C TRP A 346 14.01 -6.32 -8.02
N ALA A 347 12.89 -6.85 -7.49
CA ALA A 347 11.64 -6.80 -8.23
C ALA A 347 11.15 -5.36 -8.39
N GLN A 348 11.28 -4.54 -7.35
CA GLN A 348 10.84 -3.15 -7.44
C GLN A 348 11.78 -2.30 -8.27
N GLY A 349 13.03 -2.73 -8.47
CA GLY A 349 14.00 -1.99 -9.25
C GLY A 349 14.13 -2.41 -10.69
N ARG A 350 13.25 -3.28 -11.20
CA ARG A 350 13.31 -3.74 -12.58
C ARG A 350 11.94 -3.68 -13.26
N GLY A 351 11.02 -2.87 -12.76
CA GLY A 351 9.71 -2.75 -13.37
C GLY A 351 8.86 -3.99 -13.31
N LEU A 352 8.83 -4.66 -12.16
CA LEU A 352 8.01 -5.85 -11.98
C LEU A 352 7.20 -5.82 -10.69
N SER A 353 7.18 -4.68 -9.98
CA SER A 353 6.43 -4.56 -8.74
C SER A 353 5.96 -3.11 -8.63
N GLY A 354 4.73 -2.85 -9.07
CA GLY A 354 4.18 -1.51 -9.03
C GLY A 354 2.74 -1.45 -8.59
N SER A 355 1.89 -0.81 -9.38
CA SER A 355 0.48 -0.65 -9.08
C SER A 355 -0.35 -1.28 -10.19
N GLY A 356 -1.49 -1.85 -9.81
CA GLY A 356 -2.39 -2.48 -10.74
C GLY A 356 -1.94 -3.87 -11.14
N PRO A 357 -2.08 -4.21 -12.42
CA PRO A 357 -1.68 -5.55 -12.89
C PRO A 357 -0.18 -5.76 -12.87
N LEU A 358 0.42 -5.71 -11.69
CA LEU A 358 1.82 -6.03 -11.49
C LEU A 358 1.94 -6.89 -10.23
N LEU A 359 3.03 -7.65 -10.17
CA LEU A 359 3.23 -8.58 -9.06
C LEU A 359 3.35 -7.83 -7.75
N SER A 360 2.46 -8.14 -6.81
CA SER A 360 2.41 -7.44 -5.54
C SER A 360 3.54 -7.92 -4.63
N ASN A 361 3.73 -7.19 -3.52
CA ASN A 361 4.81 -7.50 -2.59
C ASN A 361 4.60 -8.85 -1.91
N TYR A 362 3.35 -9.23 -1.68
CA TYR A 362 3.06 -10.50 -0.99
C TYR A 362 3.49 -11.69 -1.82
N ALA A 363 3.26 -11.64 -3.15
CA ALA A 363 3.64 -12.75 -4.01
C ALA A 363 5.14 -12.96 -4.02
N LEU A 364 5.92 -11.88 -3.86
CA LEU A 364 7.37 -12.02 -3.78
C LEU A 364 7.79 -12.87 -2.59
N THR A 365 7.27 -12.53 -1.40
CA THR A 365 7.58 -13.31 -0.21
C THR A 365 7.06 -14.73 -0.33
N LEU A 366 5.89 -14.91 -0.96
CA LEU A 366 5.36 -16.25 -1.17
C LEU A 366 6.30 -17.08 -2.02
N LEU A 367 6.81 -16.50 -3.11
CA LEU A 367 7.74 -17.21 -3.98
C LEU A 367 9.04 -17.53 -3.25
N VAL A 368 9.54 -16.58 -2.44
CA VAL A 368 10.76 -16.84 -1.68
C VAL A 368 10.57 -18.00 -0.71
N ILE A 369 9.44 -18.01 0.00
CA ILE A 369 9.16 -19.09 0.94
C ILE A 369 9.05 -20.43 0.21
N TYR A 370 8.37 -20.43 -0.93
CA TYR A 370 8.25 -21.67 -1.71
C TYR A 370 9.60 -22.17 -2.17
N PHE A 371 10.46 -21.26 -2.65
CA PHE A 371 11.80 -21.65 -3.08
C PHE A 371 12.61 -22.23 -1.92
N LEU A 372 12.53 -21.59 -0.75
CA LEU A 372 13.25 -22.12 0.41
C LEU A 372 12.69 -23.47 0.84
N GLN A 373 11.40 -23.70 0.60
CA GLN A 373 10.82 -25.02 0.89
C GLN A 373 11.32 -26.08 -0.09
N THR A 374 11.50 -25.70 -1.36
CA THR A 374 11.80 -26.69 -2.40
C THR A 374 13.25 -27.14 -2.42
N ARG A 375 14.13 -26.53 -1.62
CA ARG A 375 15.53 -26.93 -1.61
C ARG A 375 15.69 -28.33 -1.03
N ASP A 376 16.73 -29.03 -1.52
CA ASP A 376 17.00 -30.37 -0.99
C ASP A 376 17.27 -30.36 0.50
N PRO A 377 18.10 -29.46 1.05
CA PRO A 377 18.06 -29.23 2.50
C PRO A 377 16.96 -28.23 2.82
N PRO A 378 15.94 -28.63 3.59
CA PRO A 378 14.78 -27.76 3.78
C PRO A 378 15.10 -26.52 4.60
N VAL A 379 15.14 -25.35 3.94
CA VAL A 379 15.34 -24.10 4.65
C VAL A 379 14.13 -23.79 5.52
N LEU A 380 12.93 -23.90 4.94
CA LEU A 380 11.69 -23.71 5.67
C LEU A 380 10.83 -24.95 5.45
N PRO A 381 10.38 -25.62 6.50
CA PRO A 381 9.45 -26.74 6.30
C PRO A 381 8.16 -26.25 5.66
N THR A 382 7.58 -27.10 4.81
CA THR A 382 6.38 -26.72 4.08
C THR A 382 5.21 -26.54 5.04
N VAL A 383 4.14 -25.93 4.53
CA VAL A 383 2.99 -25.60 5.37
C VAL A 383 2.33 -26.85 5.94
N SER A 384 2.52 -28.00 5.29
CA SER A 384 2.05 -29.26 5.89
C SER A 384 2.74 -29.50 7.23
N GLN A 385 4.08 -29.42 7.24
CA GLN A 385 4.80 -29.58 8.49
C GLN A 385 4.43 -28.50 9.50
N LEU A 386 4.30 -27.25 9.03
CA LEU A 386 3.97 -26.15 9.93
C LEU A 386 2.62 -26.37 10.59
N THR A 387 1.63 -26.86 9.83
CA THR A 387 0.34 -27.20 10.41
C THR A 387 0.49 -28.37 11.39
N GLN A 388 1.36 -29.33 11.07
CA GLN A 388 1.58 -30.44 11.99
C GLN A 388 2.22 -29.99 13.29
N LYS A 389 2.96 -28.88 13.27
CA LYS A 389 3.64 -28.40 14.47
C LYS A 389 2.71 -27.66 15.43
N ALA A 390 1.46 -27.44 15.05
CA ALA A 390 0.55 -26.67 15.89
C ALA A 390 0.23 -27.42 17.19
N GLY A 391 -0.23 -26.67 18.17
CA GLY A 391 -0.55 -27.21 19.48
C GLY A 391 -1.91 -26.72 19.98
N GLU A 392 -2.02 -26.62 21.30
CA GLU A 392 -3.27 -26.23 21.92
C GLU A 392 -3.60 -24.76 21.63
N GLY A 393 -4.89 -24.47 21.50
CA GLY A 393 -5.34 -23.13 21.21
C GLY A 393 -4.89 -22.60 19.87
N GLU A 394 -4.64 -23.48 18.91
CA GLU A 394 -4.14 -23.11 17.59
C GLU A 394 -4.94 -23.83 16.51
N GLN A 395 -6.26 -23.76 16.61
CA GLN A 395 -7.18 -24.40 15.67
C GLN A 395 -7.88 -23.37 14.79
N VAL A 396 -7.14 -22.34 14.37
CA VAL A 396 -7.73 -21.24 13.61
C VAL A 396 -8.09 -21.72 12.21
N GLU A 397 -9.30 -21.40 11.78
CA GLU A 397 -9.74 -21.71 10.42
C GLU A 397 -10.83 -20.71 10.03
N VAL A 398 -10.65 -20.09 8.86
CA VAL A 398 -11.55 -19.05 8.37
C VAL A 398 -11.87 -19.33 6.91
N ASP A 399 -13.12 -19.11 6.51
CA ASP A 399 -13.56 -19.19 5.12
C ASP A 399 -13.37 -20.59 4.54
N GLY A 400 -14.05 -21.55 5.16
CA GLY A 400 -14.12 -22.90 4.62
C GLY A 400 -13.04 -23.85 5.08
N TRP A 401 -11.82 -23.67 4.61
CA TRP A 401 -10.74 -24.60 4.89
C TRP A 401 -10.07 -24.26 6.23
N ASP A 402 -9.08 -25.07 6.59
CA ASP A 402 -8.37 -24.93 7.85
C ASP A 402 -6.88 -24.71 7.59
N CYS A 403 -6.29 -23.81 8.36
CA CYS A 403 -4.86 -23.52 8.24
C CYS A 403 -4.36 -23.08 9.61
N SER A 404 -3.59 -23.96 10.26
CA SER A 404 -3.10 -23.71 11.60
C SER A 404 -1.57 -23.68 11.61
N PHE A 405 -1.01 -22.92 12.55
CA PHE A 405 0.43 -22.82 12.70
C PHE A 405 0.73 -22.27 14.10
N PRO A 406 1.84 -22.66 14.71
CA PRO A 406 2.17 -22.13 16.03
C PRO A 406 2.43 -20.62 15.99
N ARG A 407 2.06 -19.96 17.08
CA ARG A 407 2.25 -18.51 17.22
C ARG A 407 3.56 -18.14 17.88
N ASP A 408 4.34 -19.12 18.35
CA ASP A 408 5.61 -18.86 19.00
C ASP A 408 6.76 -19.19 18.05
N ALA A 409 7.96 -18.78 18.45
CA ALA A 409 9.16 -18.92 17.61
C ALA A 409 10.05 -20.07 18.04
N SER A 410 10.41 -20.13 19.33
CA SER A 410 11.33 -21.16 19.82
C SER A 410 10.56 -22.43 20.18
N ARG A 411 10.11 -23.12 19.13
CA ARG A 411 9.36 -24.36 19.30
C ARG A 411 9.90 -25.46 18.40
N LEU A 412 10.50 -25.09 17.28
CA LEU A 412 10.93 -26.03 16.26
C LEU A 412 12.45 -26.10 16.18
N GLU A 413 12.95 -26.97 15.30
CA GLU A 413 14.31 -27.32 14.98
C GLU A 413 14.87 -26.36 13.91
N PRO A 414 16.10 -25.89 14.10
CA PRO A 414 16.73 -25.08 13.05
C PRO A 414 16.98 -25.90 11.79
N SER A 415 16.97 -25.20 10.65
CA SER A 415 17.18 -25.86 9.37
C SER A 415 18.60 -26.40 9.26
N ILE A 416 18.78 -27.34 8.33
CA ILE A 416 20.06 -27.98 8.12
C ILE A 416 20.85 -27.33 6.99
N ASN A 417 20.48 -26.10 6.63
CA ASN A 417 21.15 -25.38 5.55
C ASN A 417 22.28 -24.52 6.10
N VAL A 418 23.38 -24.44 5.34
CA VAL A 418 24.53 -23.63 5.70
C VAL A 418 24.96 -22.72 4.57
N GLU A 419 24.28 -22.75 3.43
CA GLU A 419 24.69 -21.96 2.27
C GLU A 419 24.62 -20.47 2.60
N PRO A 420 25.56 -19.66 2.11
CA PRO A 420 25.49 -18.22 2.35
C PRO A 420 24.40 -17.55 1.55
N LEU A 421 24.24 -16.24 1.73
CA LEU A 421 23.16 -15.52 1.05
C LEU A 421 23.38 -15.50 -0.46
N SER A 422 24.63 -15.35 -0.90
CA SER A 422 24.92 -15.30 -2.34
C SER A 422 24.56 -16.61 -3.01
N SER A 423 24.90 -17.74 -2.39
CA SER A 423 24.58 -19.04 -2.96
C SER A 423 23.07 -19.23 -3.05
N LEU A 424 22.33 -18.85 -2.01
CA LEU A 424 20.89 -18.97 -2.04
C LEU A 424 20.28 -18.10 -3.13
N LEU A 425 20.79 -16.88 -3.29
CA LEU A 425 20.28 -15.99 -4.33
C LEU A 425 20.55 -16.55 -5.72
N ALA A 426 21.75 -17.08 -5.95
CA ALA A 426 22.07 -17.65 -7.25
C ALA A 426 21.20 -18.88 -7.54
N GLN A 427 21.02 -19.75 -6.54
CA GLN A 427 20.17 -20.92 -6.73
C GLN A 427 18.72 -20.52 -7.02
N PHE A 428 18.22 -19.50 -6.30
CA PHE A 428 16.87 -19.02 -6.54
C PHE A 428 16.73 -18.49 -7.96
N PHE A 429 17.71 -17.69 -8.41
CA PHE A 429 17.64 -17.15 -9.76
C PHE A 429 17.63 -18.25 -10.80
N SER A 430 18.53 -19.24 -10.64
CA SER A 430 18.59 -20.34 -11.61
C SER A 430 17.28 -21.12 -11.63
N ALA A 431 16.74 -21.45 -10.44
CA ALA A 431 15.53 -22.25 -10.37
C ALA A 431 14.33 -21.50 -10.95
N VAL A 432 14.19 -20.21 -10.62
CA VAL A 432 13.03 -19.47 -11.11
C VAL A 432 13.16 -19.21 -12.61
N SER A 433 14.38 -19.08 -13.13
CA SER A 433 14.54 -18.92 -14.57
C SER A 433 14.22 -20.22 -15.31
N SER A 434 14.64 -21.37 -14.76
CA SER A 434 14.45 -22.64 -15.44
C SER A 434 13.03 -23.19 -15.30
N TRP A 435 12.25 -22.72 -14.33
CA TRP A 435 10.95 -23.30 -14.06
C TRP A 435 9.95 -22.96 -15.16
N ASP A 436 8.99 -23.87 -15.36
CA ASP A 436 7.96 -23.70 -16.36
C ASP A 436 6.90 -22.70 -15.90
N LEU A 437 6.39 -21.92 -16.85
CA LEU A 437 5.38 -20.90 -16.56
C LEU A 437 4.04 -21.16 -17.21
N ARG A 438 3.92 -22.18 -18.07
CA ARG A 438 2.70 -22.36 -18.84
C ARG A 438 1.59 -22.97 -17.98
N GLY A 439 1.82 -24.14 -17.39
CA GLY A 439 0.79 -24.80 -16.63
C GLY A 439 1.27 -25.45 -15.34
N SER A 440 2.38 -24.96 -14.79
CA SER A 440 2.93 -25.48 -13.55
C SER A 440 2.50 -24.57 -12.40
N LEU A 441 1.61 -25.07 -11.55
CA LEU A 441 1.14 -24.33 -10.40
C LEU A 441 1.98 -24.70 -9.17
N LEU A 442 2.42 -23.69 -8.43
CA LEU A 442 3.27 -23.90 -7.27
C LEU A 442 2.43 -24.01 -6.01
N SER A 443 2.61 -25.10 -5.27
CA SER A 443 1.88 -25.35 -4.03
C SER A 443 2.85 -25.21 -2.86
N LEU A 444 2.67 -24.13 -2.08
CA LEU A 444 3.48 -23.95 -0.88
C LEU A 444 3.05 -24.90 0.23
N ARG A 445 1.76 -25.24 0.29
CA ARG A 445 1.28 -26.14 1.33
C ARG A 445 1.95 -27.50 1.24
N GLU A 446 2.05 -28.04 0.03
CA GLU A 446 2.79 -29.28 -0.21
C GLU A 446 4.22 -29.01 -0.69
N GLY A 447 4.54 -27.77 -1.01
CA GLY A 447 5.89 -27.43 -1.47
C GLY A 447 6.31 -28.14 -2.74
N GLN A 448 5.40 -28.22 -3.72
CA GLN A 448 5.67 -28.93 -4.96
C GLN A 448 5.11 -28.13 -6.13
N ALA A 449 5.07 -28.76 -7.30
CA ALA A 449 4.57 -28.12 -8.50
C ALA A 449 3.68 -29.10 -9.26
N LEU A 450 2.68 -28.55 -9.94
CA LEU A 450 1.76 -29.35 -10.75
C LEU A 450 1.45 -28.65 -12.07
N GLU A 462 -6.46 -25.67 -5.07
CA GLU A 462 -7.55 -25.35 -5.99
C GLU A 462 -7.43 -23.92 -6.50
N GLY A 463 -7.23 -23.76 -7.81
CA GLY A 463 -7.12 -22.46 -8.42
C GLY A 463 -8.41 -22.02 -9.09
N LEU A 464 -8.49 -20.71 -9.34
CA LEU A 464 -9.67 -20.12 -9.97
C LEU A 464 -9.36 -19.58 -11.36
N ARG A 465 -8.36 -18.70 -11.47
CA ARG A 465 -7.94 -18.16 -12.76
C ARG A 465 -6.42 -18.12 -12.79
N LEU A 466 -5.84 -18.58 -13.90
CA LEU A 466 -4.40 -18.61 -14.05
C LEU A 466 -4.03 -18.53 -15.53
N GLY A 467 -2.85 -17.99 -15.79
CA GLY A 467 -2.35 -17.87 -17.13
C GLY A 467 -0.90 -18.28 -17.23
N PRO A 468 -0.05 -17.38 -17.74
CA PRO A 468 1.38 -17.67 -17.83
C PRO A 468 2.11 -17.57 -16.50
N LEU A 469 1.35 -17.38 -15.42
CA LEU A 469 1.92 -17.30 -14.08
C LEU A 469 0.93 -17.94 -13.11
N ASN A 470 1.38 -18.97 -12.40
CA ASN A 470 0.52 -19.75 -11.51
C ASN A 470 1.13 -19.77 -10.11
N LEU A 471 0.40 -19.21 -9.14
CA LEU A 471 0.85 -19.20 -7.76
C LEU A 471 -0.35 -18.94 -6.86
N GLN A 472 -0.55 -19.81 -5.86
CA GLN A 472 -1.67 -19.72 -4.95
C GLN A 472 -1.17 -19.60 -3.51
N ASP A 473 -2.01 -19.03 -2.66
CA ASP A 473 -1.66 -18.87 -1.26
C ASP A 473 -1.61 -20.23 -0.56
N PRO A 474 -0.76 -20.38 0.46
CA PRO A 474 -0.76 -21.62 1.24
C PRO A 474 -1.80 -21.64 2.34
N PHE A 475 -2.43 -20.51 2.64
CA PHE A 475 -3.52 -20.42 3.60
C PHE A 475 -4.86 -20.14 2.96
N ASP A 476 -4.89 -19.24 1.98
CA ASP A 476 -6.09 -18.93 1.20
C ASP A 476 -5.97 -19.68 -0.13
N LEU A 477 -6.35 -20.96 -0.11
CA LEU A 477 -6.18 -21.83 -1.27
C LEU A 477 -7.29 -21.66 -2.29
N SER A 478 -7.52 -20.43 -2.74
CA SER A 478 -8.45 -20.11 -3.82
C SER A 478 -8.03 -18.89 -4.61
N HIS A 479 -7.23 -18.00 -4.01
CA HIS A 479 -6.75 -16.81 -4.69
C HIS A 479 -5.42 -17.12 -5.35
N ASN A 480 -5.40 -17.06 -6.68
CA ASN A 480 -4.18 -17.20 -7.46
C ASN A 480 -3.53 -15.82 -7.53
N VAL A 481 -2.60 -15.57 -6.61
CA VAL A 481 -1.93 -14.27 -6.54
C VAL A 481 -1.09 -13.97 -7.77
N ALA A 482 -0.89 -14.95 -8.64
CA ALA A 482 -0.17 -14.74 -9.89
C ALA A 482 -1.09 -14.40 -11.05
N ALA A 483 -2.39 -14.23 -10.80
CA ALA A 483 -3.35 -13.89 -11.84
C ALA A 483 -3.39 -12.40 -12.16
N ASN A 484 -2.44 -11.62 -11.62
CA ASN A 484 -2.35 -10.19 -11.90
C ASN A 484 -1.22 -9.88 -12.88
N VAL A 485 -0.66 -10.88 -13.55
CA VAL A 485 0.45 -10.71 -14.46
C VAL A 485 0.05 -11.28 -15.81
N THR A 486 0.23 -10.48 -16.87
CA THR A 486 -0.12 -10.91 -18.22
C THR A 486 1.03 -11.70 -18.83
N SER A 487 0.93 -11.99 -20.13
CA SER A 487 1.92 -12.83 -20.78
C SER A 487 3.26 -12.11 -20.94
N ARG A 488 3.22 -10.85 -21.41
CA ARG A 488 4.46 -10.13 -21.66
C ARG A 488 5.22 -9.86 -20.36
N VAL A 489 4.51 -9.52 -19.30
CA VAL A 489 5.17 -9.28 -18.02
C VAL A 489 5.81 -10.57 -17.49
N ALA A 490 5.12 -11.70 -17.64
CA ALA A 490 5.69 -12.98 -17.23
C ALA A 490 6.94 -13.32 -18.03
N GLY A 491 6.90 -13.09 -19.34
CA GLY A 491 8.07 -13.33 -20.16
C GLY A 491 9.24 -12.44 -19.79
N ARG A 492 8.96 -11.16 -19.51
CA ARG A 492 10.01 -10.25 -19.06
C ARG A 492 10.58 -10.69 -17.72
N LEU A 493 9.72 -11.16 -16.82
CA LEU A 493 10.19 -11.67 -15.53
C LEU A 493 11.11 -12.87 -15.72
N GLN A 494 10.74 -13.80 -16.60
CA GLN A 494 11.57 -14.97 -16.84
C GLN A 494 12.90 -14.58 -17.46
N ASN A 495 12.89 -13.63 -18.41
CA ASN A 495 14.14 -13.17 -19.01
C ASN A 495 15.04 -12.49 -17.99
N CYS A 496 14.44 -11.66 -17.12
CA CYS A 496 15.22 -11.01 -16.07
C CYS A 496 15.80 -12.03 -15.10
N CYS A 497 15.03 -13.08 -14.79
CA CYS A 497 15.54 -14.13 -13.91
C CYS A 497 16.71 -14.86 -14.55
N ARG A 498 16.62 -15.14 -15.86
CA ARG A 498 17.74 -15.78 -16.55
C ARG A 498 18.97 -14.88 -16.56
N ALA A 499 18.77 -13.58 -16.81
CA ALA A 499 19.87 -12.64 -16.80
C ALA A 499 20.53 -12.57 -15.42
N ALA A 500 19.72 -12.51 -14.36
CA ALA A 500 20.26 -12.48 -13.01
C ALA A 500 21.00 -13.77 -12.68
N ALA A 501 20.47 -14.91 -13.14
CA ALA A 501 21.12 -16.19 -12.89
C ALA A 501 22.49 -16.25 -13.56
N ASN A 502 22.57 -15.84 -14.82
CA ASN A 502 23.87 -15.88 -15.49
C ASN A 502 24.84 -14.85 -14.92
N TYR A 503 24.33 -13.69 -14.47
CA TYR A 503 25.18 -12.72 -13.83
C TYR A 503 25.73 -13.24 -12.51
N ALA A 504 24.89 -13.93 -11.72
CA ALA A 504 25.36 -14.54 -10.48
C ALA A 504 26.37 -15.64 -10.76
N ARG A 505 26.14 -16.44 -11.80
CA ARG A 505 27.13 -17.44 -12.19
C ARG A 505 28.43 -16.80 -12.63
N SER A 506 28.37 -15.58 -13.19
CA SER A 506 29.57 -14.89 -13.60
C SER A 506 30.42 -14.50 -12.40
N LEU A 507 31.72 -14.32 -12.65
CA LEU A 507 32.69 -14.11 -11.59
C LEU A 507 32.64 -12.71 -11.00
N GLN A 508 32.23 -11.71 -11.80
CA GLN A 508 32.27 -10.32 -11.33
C GLN A 508 31.38 -10.11 -10.11
N TYR A 509 30.21 -10.76 -10.10
CA TYR A 509 29.29 -10.60 -8.97
C TYR A 509 29.80 -11.29 -7.72
N GLN A 510 30.59 -12.35 -7.86
CA GLN A 510 30.92 -13.19 -6.73
C GLN A 510 31.82 -12.52 -5.70
N ARG A 511 32.59 -11.50 -6.09
CA ARG A 511 33.54 -10.90 -5.17
C ARG A 511 33.56 -9.38 -5.34
N ARG A 512 34.32 -8.72 -4.47
CA ARG A 512 34.23 -7.29 -4.25
C ARG A 512 35.12 -6.51 -5.19
N SER A 513 34.68 -5.29 -5.52
CA SER A 513 35.51 -4.28 -6.16
C SER A 513 35.55 -3.05 -5.27
N SER A 514 36.75 -2.56 -4.98
CA SER A 514 36.90 -1.51 -3.97
C SER A 514 36.62 -0.12 -4.54
N ARG A 515 37.42 0.33 -5.50
CA ARG A 515 37.32 1.72 -5.96
C ARG A 515 36.42 1.85 -7.18
N GLY A 516 35.26 1.20 -7.14
CA GLY A 516 34.19 1.51 -8.07
C GLY A 516 34.14 0.63 -9.30
N ARG A 517 33.19 -0.32 -9.30
CA ARG A 517 32.87 -1.12 -10.48
C ARG A 517 31.41 -1.53 -10.49
N ASP A 518 30.61 -1.05 -9.53
CA ASP A 518 29.26 -1.54 -9.28
C ASP A 518 29.30 -3.04 -9.01
N TRP A 519 29.92 -3.39 -7.88
CA TRP A 519 30.14 -4.79 -7.52
C TRP A 519 28.95 -5.33 -6.72
N GLY A 520 28.86 -6.66 -6.71
CA GLY A 520 27.86 -7.32 -5.88
C GLY A 520 26.44 -7.08 -6.41
N LEU A 521 25.55 -6.72 -5.49
CA LEU A 521 24.13 -6.60 -5.78
C LEU A 521 23.78 -5.31 -6.50
N LEU A 522 24.73 -4.38 -6.66
CA LEU A 522 24.42 -3.08 -7.24
C LEU A 522 23.89 -3.18 -8.68
N PRO A 523 24.50 -3.94 -9.60
CA PRO A 523 23.92 -4.01 -10.96
C PRO A 523 22.50 -4.55 -10.97
N LEU A 524 22.19 -5.51 -10.09
CA LEU A 524 20.82 -5.99 -9.98
C LEU A 524 19.91 -4.91 -9.38
N LEU A 525 20.48 -4.02 -8.56
CA LEU A 525 19.71 -2.94 -7.96
C LEU A 525 19.89 -1.60 -8.68
N GLN A 526 20.57 -1.61 -9.83
CA GLN A 526 20.79 -0.37 -10.56
C GLN A 526 19.50 0.14 -11.18
N PRO A 527 19.37 1.46 -11.40
CA PRO A 527 18.19 2.01 -12.08
C PRO A 527 18.22 1.77 -13.58
N SER A 528 17.95 0.54 -13.97
CA SER A 528 18.02 0.12 -15.36
C SER A 528 16.69 0.43 -16.07
N SER A 529 16.57 0.00 -17.31
CA SER A 529 15.35 0.23 -18.09
C SER A 529 14.69 -1.09 -18.45
ZN ZN C . -6.32 17.40 -19.81
#